data_2DAP
#
_entry.id   2DAP
#
_cell.length_a   121.640
_cell.length_b   121.640
_cell.length_c   52.360
_cell.angle_alpha   90.00
_cell.angle_beta   90.00
_cell.angle_gamma   120.00
#
_symmetry.space_group_name_H-M   'P 3 2 1'
#
loop_
_entity.id
_entity.type
_entity.pdbx_description
1 polymer 'DIAMINOPIMELIC ACID DEHYDROGENASE'
2 non-polymer '2,6-DIAMINOPIMELIC ACID'
3 water water
#
_entity_poly.entity_id   1
_entity_poly.type   'polypeptide(L)'
_entity_poly.pdbx_seq_one_letter_code
;MTNIRVAIVGYGNLGRSVEKLIAKQPDMDLVGIFSRRATLDTKTPVFDVADVDKHADDVDVLFLCMGSATDIPEQAPKFA
QFACTVDTYDNHRDIPRHRQVMNEAATAAGNVALVSTGWDPGMFSINRVYAAAVLAEHQQHTFWGPGLSQGHSDALRRIP
GVQKAVQYTLPSEDALEKARRGEAGDLTGKQTHKRQCFVVADAADHERIENDIRTMPDYFVGYEVEVNFIDEATFDSEHT
GMPHGGHVITTGDTGGFNHTVEYILKLDRNPDFTASSQIAFGRAAHRMKQQGQSGAFTVLEVAPYLLSPENLDDLIARDV
;
_entity_poly.pdbx_strand_id   A
#
# COMPACT_ATOMS: atom_id res chain seq x y z
N MET A 1 -4.58 2.73 30.43
CA MET A 1 -4.34 1.37 29.85
C MET A 1 -3.38 1.41 28.66
N THR A 2 -3.05 0.23 28.15
CA THR A 2 -2.18 0.09 26.98
C THR A 2 -3.02 0.23 25.70
N ASN A 3 -3.95 1.18 25.73
CA ASN A 3 -4.79 1.45 24.58
C ASN A 3 -3.96 2.46 23.83
N ILE A 4 -3.61 2.10 22.59
CA ILE A 4 -2.78 2.92 21.74
C ILE A 4 -3.50 4.15 21.23
N ARG A 5 -3.04 5.31 21.66
CA ARG A 5 -3.57 6.58 21.21
C ARG A 5 -3.06 6.69 19.79
N VAL A 6 -3.96 6.83 18.82
CA VAL A 6 -3.54 6.96 17.43
C VAL A 6 -4.14 8.20 16.75
N ALA A 7 -3.45 8.70 15.74
CA ALA A 7 -3.96 9.83 14.99
C ALA A 7 -3.68 9.55 13.53
N ILE A 8 -4.47 10.17 12.65
CA ILE A 8 -4.32 10.01 11.21
C ILE A 8 -3.84 11.33 10.64
N VAL A 9 -2.90 11.31 9.72
CA VAL A 9 -2.43 12.54 9.12
C VAL A 9 -2.88 12.50 7.67
N GLY A 10 -3.77 13.42 7.28
CA GLY A 10 -4.29 13.45 5.91
C GLY A 10 -5.69 12.83 5.87
N TYR A 11 -6.50 13.14 4.85
CA TYR A 11 -7.85 12.59 4.84
C TYR A 11 -8.54 12.25 3.49
N GLY A 12 -7.85 11.49 2.63
CA GLY A 12 -8.47 11.09 1.37
C GLY A 12 -9.13 9.73 1.54
N ASN A 13 -9.05 8.89 0.53
CA ASN A 13 -9.66 7.57 0.60
C ASN A 13 -9.06 6.68 1.69
N LEU A 14 -7.73 6.63 1.74
CA LEU A 14 -7.01 5.82 2.73
C LEU A 14 -7.25 6.29 4.14
N GLY A 15 -7.12 7.59 4.36
CA GLY A 15 -7.32 8.15 5.67
C GLY A 15 -8.71 7.86 6.14
N ARG A 16 -9.64 7.87 5.21
CA ARG A 16 -11.05 7.59 5.50
C ARG A 16 -11.30 6.11 5.84
N SER A 17 -10.54 5.21 5.22
CA SER A 17 -10.68 3.78 5.47
C SER A 17 -10.08 3.46 6.83
N VAL A 18 -8.95 4.10 7.15
CA VAL A 18 -8.30 3.88 8.44
C VAL A 18 -9.18 4.33 9.59
N GLU A 19 -9.81 5.49 9.44
CA GLU A 19 -10.71 6.02 10.46
C GLU A 19 -11.83 5.02 10.82
N LYS A 20 -12.60 4.56 9.83
CA LYS A 20 -13.70 3.61 10.09
C LYS A 20 -13.23 2.27 10.65
N LEU A 21 -12.01 1.88 10.30
CA LEU A 21 -11.43 0.62 10.75
C LEU A 21 -10.81 0.69 12.14
N ILE A 22 -10.26 1.84 12.54
CA ILE A 22 -9.68 1.97 13.88
C ILE A 22 -10.76 1.65 14.93
N ALA A 23 -12.01 1.90 14.60
CA ALA A 23 -13.13 1.64 15.50
C ALA A 23 -13.30 0.17 15.84
N LYS A 24 -12.97 -0.71 14.90
CA LYS A 24 -13.08 -2.13 15.19
C LYS A 24 -11.83 -2.74 15.83
N GLN A 25 -10.91 -1.88 16.29
CA GLN A 25 -9.68 -2.34 16.96
C GLN A 25 -9.95 -2.30 18.44
N PRO A 26 -9.73 -3.41 19.13
CA PRO A 26 -9.95 -3.54 20.58
C PRO A 26 -8.97 -2.81 21.49
N ASP A 27 -7.86 -2.36 20.92
CA ASP A 27 -6.82 -1.71 21.69
C ASP A 27 -6.33 -0.38 21.17
N MET A 28 -7.16 0.28 20.38
CA MET A 28 -6.78 1.58 19.84
C MET A 28 -7.83 2.63 20.06
N ASP A 29 -7.35 3.86 20.18
CA ASP A 29 -8.19 5.03 20.39
C ASP A 29 -7.79 6.11 19.39
N LEU A 30 -8.74 6.52 18.55
CA LEU A 30 -8.50 7.56 17.54
C LEU A 30 -8.57 8.86 18.31
N VAL A 31 -7.49 9.62 18.31
CA VAL A 31 -7.50 10.88 19.04
C VAL A 31 -7.91 12.01 18.11
N GLY A 32 -7.58 11.89 16.83
CA GLY A 32 -7.94 12.91 15.89
C GLY A 32 -7.33 12.79 14.52
N ILE A 33 -7.51 13.81 13.70
CA ILE A 33 -7.00 13.85 12.34
C ILE A 33 -6.20 15.13 12.20
N PHE A 34 -4.96 15.05 11.73
CA PHE A 34 -4.14 16.23 11.52
C PHE A 34 -4.26 16.63 10.07
N SER A 35 -4.83 17.80 9.82
CA SER A 35 -5.03 18.26 8.47
C SER A 35 -4.57 19.68 8.22
N ARG A 36 -4.42 20.01 6.94
CA ARG A 36 -4.03 21.33 6.52
C ARG A 36 -5.30 22.20 6.53
N ARG A 37 -6.46 21.55 6.40
CA ARG A 37 -7.77 22.22 6.38
C ARG A 37 -8.41 22.33 7.75
N ALA A 38 -9.10 23.45 7.98
CA ALA A 38 -9.75 23.70 9.26
C ALA A 38 -11.01 22.89 9.49
N THR A 39 -11.82 22.71 8.44
CA THR A 39 -13.07 21.96 8.51
C THR A 39 -12.92 20.70 7.68
N LEU A 40 -13.63 19.64 8.06
CA LEU A 40 -13.55 18.35 7.37
C LEU A 40 -14.85 17.59 7.57
N ASP A 41 -15.24 16.82 6.57
CA ASP A 41 -16.47 16.01 6.62
C ASP A 41 -16.45 14.83 7.59
N THR A 42 -16.18 15.11 8.85
CA THR A 42 -16.09 14.07 9.87
C THR A 42 -16.39 14.64 11.24
N LYS A 43 -16.78 13.72 12.12
CA LYS A 43 -17.08 14.04 13.51
C LYS A 43 -15.77 14.00 14.30
N THR A 44 -14.78 13.30 13.78
CA THR A 44 -13.49 13.19 14.45
C THR A 44 -12.80 14.54 14.51
N PRO A 45 -12.29 14.90 15.70
CA PRO A 45 -11.60 16.17 15.91
C PRO A 45 -10.47 16.37 14.92
N VAL A 46 -10.33 17.60 14.45
CA VAL A 46 -9.27 17.89 13.50
C VAL A 46 -8.34 19.01 13.98
N PHE A 47 -7.03 18.76 13.89
CA PHE A 47 -6.02 19.72 14.32
C PHE A 47 -5.14 20.12 13.14
N ASP A 48 -4.65 21.35 13.15
CA ASP A 48 -3.79 21.83 12.07
C ASP A 48 -2.58 20.92 12.14
N VAL A 49 -2.13 20.45 10.98
CA VAL A 49 -0.96 19.57 10.94
C VAL A 49 0.22 20.26 11.62
N ALA A 50 0.26 21.59 11.53
CA ALA A 50 1.35 22.40 12.11
C ALA A 50 1.39 22.42 13.64
N ASP A 51 0.37 21.86 14.28
CA ASP A 51 0.32 21.81 15.73
C ASP A 51 0.54 20.39 16.22
N VAL A 52 1.31 19.60 15.47
CA VAL A 52 1.59 18.22 15.86
C VAL A 52 2.44 18.21 17.13
N ASP A 53 3.42 19.10 17.19
CA ASP A 53 4.31 19.24 18.34
C ASP A 53 3.56 19.41 19.66
N LYS A 54 2.43 20.12 19.60
CA LYS A 54 1.63 20.35 20.79
C LYS A 54 0.87 19.08 21.19
N HIS A 55 0.66 18.19 20.22
CA HIS A 55 -0.06 16.95 20.50
C HIS A 55 0.84 15.74 20.60
N ALA A 56 2.13 15.95 20.33
CA ALA A 56 3.12 14.87 20.39
C ALA A 56 3.13 14.11 21.73
N ASP A 57 2.35 14.58 22.70
CA ASP A 57 2.27 13.94 24.00
C ASP A 57 0.99 13.14 24.19
N ASP A 58 0.00 13.44 23.37
CA ASP A 58 -1.28 12.73 23.47
C ASP A 58 -1.44 11.67 22.37
N VAL A 59 -0.46 11.57 21.46
CA VAL A 59 -0.55 10.60 20.39
C VAL A 59 0.57 9.56 20.33
N ASP A 60 0.20 8.28 20.36
CA ASP A 60 1.17 7.15 20.29
C ASP A 60 1.68 6.84 18.88
N VAL A 61 0.77 6.60 17.93
CA VAL A 61 1.14 6.32 16.55
C VAL A 61 0.46 7.26 15.58
N LEU A 62 1.23 7.72 14.61
CA LEU A 62 0.79 8.62 13.58
C LEU A 62 0.69 7.85 12.26
N PHE A 63 -0.53 7.59 11.82
CA PHE A 63 -0.80 6.87 10.58
C PHE A 63 -0.70 7.87 9.46
N LEU A 64 0.35 7.79 8.66
CA LEU A 64 0.53 8.73 7.57
C LEU A 64 -0.32 8.34 6.36
N CYS A 65 -1.47 9.00 6.23
CA CYS A 65 -2.40 8.74 5.12
C CYS A 65 -2.44 9.84 4.09
N MET A 66 -1.30 10.48 3.84
CA MET A 66 -1.20 11.58 2.88
C MET A 66 0.11 11.40 2.15
N GLY A 67 0.13 11.70 0.84
CA GLY A 67 1.41 11.58 0.16
C GLY A 67 1.54 11.08 -1.27
N SER A 68 1.34 9.78 -1.46
CA SER A 68 1.48 9.13 -2.77
C SER A 68 2.91 9.37 -3.28
N ALA A 69 3.06 9.86 -4.51
CA ALA A 69 4.38 10.11 -5.05
C ALA A 69 4.84 11.54 -4.77
N THR A 70 4.42 12.10 -3.63
CA THR A 70 4.81 13.48 -3.28
C THR A 70 4.95 13.82 -1.80
N ASP A 71 3.81 13.92 -1.12
CA ASP A 71 3.76 14.32 0.27
C ASP A 71 4.45 13.43 1.29
N ILE A 72 4.64 12.15 0.96
CA ILE A 72 5.29 11.25 1.91
C ILE A 72 6.81 11.44 1.99
N PRO A 73 7.48 11.56 0.83
CA PRO A 73 8.94 11.75 0.83
C PRO A 73 9.33 13.04 1.53
N GLU A 74 8.72 14.14 1.11
CA GLU A 74 8.99 15.45 1.67
C GLU A 74 8.55 15.58 3.14
N GLN A 75 7.31 15.16 3.44
CA GLN A 75 6.74 15.28 4.79
C GLN A 75 6.91 14.18 5.85
N ALA A 76 6.98 12.91 5.43
CA ALA A 76 7.09 11.80 6.37
C ALA A 76 8.11 11.88 7.51
N PRO A 77 9.36 12.30 7.24
CA PRO A 77 10.41 12.42 8.27
C PRO A 77 10.13 13.42 9.41
N LYS A 78 9.48 14.53 9.08
CA LYS A 78 9.14 15.56 10.05
C LYS A 78 8.28 14.97 11.13
N PHE A 79 7.40 14.05 10.73
CA PHE A 79 6.51 13.37 11.65
C PHE A 79 7.20 12.29 12.51
N ALA A 80 8.31 11.75 12.02
CA ALA A 80 9.04 10.71 12.76
C ALA A 80 9.60 11.31 14.05
N GLN A 81 9.81 12.62 14.04
CA GLN A 81 10.35 13.34 15.19
C GLN A 81 9.35 13.60 16.33
N PHE A 82 8.07 13.30 16.07
CA PHE A 82 7.01 13.52 17.06
C PHE A 82 6.30 12.26 17.54
N ALA A 83 6.35 11.19 16.75
CA ALA A 83 5.72 9.92 17.15
C ALA A 83 6.08 8.78 16.19
N CYS A 84 5.63 7.57 16.52
CA CYS A 84 5.86 6.40 15.68
C CYS A 84 4.98 6.59 14.42
N THR A 85 5.55 6.37 13.24
CA THR A 85 4.80 6.55 12.00
C THR A 85 4.65 5.28 11.17
N VAL A 86 3.49 5.16 10.51
CA VAL A 86 3.26 4.01 9.65
C VAL A 86 2.82 4.56 8.32
N ASP A 87 3.52 4.21 7.26
CA ASP A 87 3.13 4.68 5.95
C ASP A 87 3.00 3.52 4.98
N THR A 88 2.31 3.81 3.88
CA THR A 88 2.06 2.86 2.82
C THR A 88 2.78 3.33 1.57
N TYR A 89 3.98 3.88 1.75
CA TYR A 89 4.77 4.40 0.62
C TYR A 89 5.04 3.32 -0.45
N ASP A 90 4.42 3.48 -1.62
CA ASP A 90 4.55 2.48 -2.67
C ASP A 90 5.41 2.74 -3.90
N ASN A 91 6.23 3.77 -3.89
CA ASN A 91 7.11 4.02 -5.02
C ASN A 91 8.27 3.03 -4.86
N HIS A 92 8.13 1.86 -5.47
CA HIS A 92 9.12 0.78 -5.37
C HIS A 92 10.59 1.12 -5.60
N ARG A 93 10.86 2.01 -6.55
CA ARG A 93 12.24 2.41 -6.84
C ARG A 93 12.85 3.27 -5.75
N ASP A 94 11.98 3.94 -5.00
CA ASP A 94 12.39 4.86 -3.96
C ASP A 94 12.28 4.33 -2.54
N ILE A 95 11.72 3.14 -2.37
CA ILE A 95 11.56 2.60 -1.03
C ILE A 95 12.86 2.51 -0.24
N PRO A 96 13.95 2.02 -0.87
CA PRO A 96 15.21 1.93 -0.14
C PRO A 96 15.74 3.27 0.35
N ARG A 97 15.57 4.31 -0.47
CA ARG A 97 16.03 5.66 -0.10
C ARG A 97 15.14 6.20 1.00
N HIS A 98 13.82 6.07 0.79
CA HIS A 98 12.81 6.54 1.72
C HIS A 98 13.00 5.90 3.08
N ARG A 99 13.55 4.70 3.13
CA ARG A 99 13.72 4.04 4.41
C ARG A 99 15.00 4.52 5.10
N GLN A 100 16.00 4.88 4.30
CA GLN A 100 17.27 5.37 4.82
C GLN A 100 17.03 6.67 5.58
N VAL A 101 16.33 7.61 4.94
CA VAL A 101 16.04 8.90 5.56
C VAL A 101 15.10 8.80 6.76
N MET A 102 14.10 7.92 6.68
CA MET A 102 13.16 7.76 7.77
C MET A 102 13.87 7.21 8.99
N ASN A 103 14.86 6.37 8.72
CA ASN A 103 15.65 5.72 9.77
C ASN A 103 16.44 6.68 10.63
N GLU A 104 17.12 7.62 9.99
CA GLU A 104 17.93 8.63 10.67
C GLU A 104 17.03 9.41 11.60
N ALA A 105 15.85 9.71 11.06
CA ALA A 105 14.81 10.48 11.74
C ALA A 105 14.23 9.78 12.94
N ALA A 106 13.83 8.52 12.76
CA ALA A 106 13.22 7.75 13.84
C ALA A 106 14.21 7.42 14.95
N THR A 107 15.40 6.92 14.57
CA THR A 107 16.46 6.58 15.54
C THR A 107 16.85 7.82 16.33
N ALA A 108 16.86 8.97 15.63
CA ALA A 108 17.20 10.28 16.22
C ALA A 108 16.16 10.77 17.22
N ALA A 109 14.94 10.26 17.12
CA ALA A 109 13.89 10.66 18.02
C ALA A 109 13.58 9.58 19.04
N GLY A 110 14.09 8.37 18.82
CA GLY A 110 13.85 7.27 19.76
C GLY A 110 12.52 6.55 19.55
N ASN A 111 11.91 6.76 18.39
CA ASN A 111 10.64 6.11 18.08
C ASN A 111 10.74 5.27 16.80
N VAL A 112 9.77 4.39 16.59
CA VAL A 112 9.78 3.49 15.44
C VAL A 112 8.99 3.93 14.21
N ALA A 113 9.55 3.74 13.02
CA ALA A 113 8.86 4.08 11.76
C ALA A 113 8.74 2.86 10.82
N LEU A 114 7.50 2.45 10.56
CA LEU A 114 7.22 1.33 9.67
C LEU A 114 6.92 1.90 8.28
N VAL A 115 7.80 1.62 7.32
CA VAL A 115 7.63 2.12 5.97
C VAL A 115 7.10 1.11 4.97
N SER A 116 6.51 1.64 3.91
CA SER A 116 5.96 0.91 2.79
C SER A 116 5.07 -0.30 3.10
N THR A 117 4.05 -0.10 3.93
CA THR A 117 3.14 -1.17 4.29
C THR A 117 1.97 -1.20 3.29
N GLY A 118 1.02 -2.12 3.48
CA GLY A 118 -0.12 -2.26 2.58
C GLY A 118 -0.19 -3.72 2.11
N TRP A 119 -0.68 -3.98 0.88
CA TRP A 119 -0.70 -5.35 0.36
C TRP A 119 0.36 -5.51 -0.73
N ASP A 120 0.68 -4.43 -1.41
CA ASP A 120 1.78 -4.41 -2.38
C ASP A 120 2.17 -2.97 -2.63
N PRO A 121 3.23 -2.48 -1.95
CA PRO A 121 4.06 -3.21 -0.98
C PRO A 121 3.35 -3.63 0.29
N GLY A 122 3.92 -4.59 1.01
CA GLY A 122 3.31 -5.05 2.24
C GLY A 122 3.15 -6.56 2.27
N MET A 123 1.90 -7.03 2.20
CA MET A 123 1.63 -8.46 2.23
C MET A 123 2.30 -9.25 1.10
N PHE A 124 2.34 -8.71 -0.12
CA PHE A 124 2.97 -9.40 -1.23
C PHE A 124 4.46 -9.50 -1.05
N SER A 125 5.05 -8.47 -0.43
CA SER A 125 6.49 -8.41 -0.18
C SER A 125 6.97 -9.53 0.75
N ILE A 126 6.23 -9.69 1.84
CA ILE A 126 6.50 -10.73 2.83
C ILE A 126 6.43 -12.09 2.14
N ASN A 127 5.40 -12.30 1.34
CA ASN A 127 5.21 -13.55 0.62
C ASN A 127 6.29 -13.87 -0.41
N ARG A 128 6.77 -12.86 -1.09
CA ARG A 128 7.83 -13.06 -2.04
C ARG A 128 9.07 -13.60 -1.31
N VAL A 129 9.38 -12.95 -0.19
CA VAL A 129 10.53 -13.30 0.60
C VAL A 129 10.52 -14.69 1.22
N TYR A 130 9.43 -15.06 1.89
CA TYR A 130 9.32 -16.38 2.53
C TYR A 130 9.46 -17.52 1.52
N ALA A 131 8.72 -17.45 0.41
CA ALA A 131 8.71 -18.49 -0.62
C ALA A 131 10.02 -18.63 -1.36
N ALA A 132 10.71 -17.51 -1.54
CA ALA A 132 11.98 -17.51 -2.22
C ALA A 132 13.07 -18.03 -1.28
N ALA A 133 12.89 -17.82 0.03
CA ALA A 133 13.83 -18.26 1.05
C ALA A 133 13.75 -19.76 1.28
N VAL A 134 12.53 -20.27 1.43
CA VAL A 134 12.29 -21.69 1.64
C VAL A 134 12.62 -22.55 0.41
N LEU A 135 12.32 -22.08 -0.80
CA LEU A 135 12.64 -22.85 -2.02
C LEU A 135 13.94 -22.36 -2.68
N ALA A 136 15.02 -23.11 -2.46
CA ALA A 136 16.34 -22.76 -2.97
C ALA A 136 16.36 -22.49 -4.45
N GLU A 137 15.88 -23.42 -5.27
CA GLU A 137 15.84 -23.18 -6.72
C GLU A 137 14.36 -22.89 -6.97
N HIS A 138 14.05 -21.65 -7.33
CA HIS A 138 12.66 -21.25 -7.51
C HIS A 138 12.45 -20.26 -8.65
N GLN A 139 11.20 -20.14 -9.05
CA GLN A 139 10.78 -19.20 -10.07
C GLN A 139 9.64 -18.46 -9.37
N GLN A 140 9.58 -17.15 -9.51
CA GLN A 140 8.55 -16.38 -8.82
C GLN A 140 7.94 -15.31 -9.69
N HIS A 141 6.61 -15.20 -9.67
CA HIS A 141 5.88 -14.21 -10.45
C HIS A 141 4.84 -13.55 -9.55
N THR A 142 4.59 -12.25 -9.76
CA THR A 142 3.57 -11.48 -9.02
C THR A 142 2.53 -10.99 -10.06
N PHE A 143 1.26 -11.32 -9.88
CA PHE A 143 0.22 -10.89 -10.80
C PHE A 143 -0.74 -9.99 -10.03
N TRP A 144 -1.23 -8.94 -10.70
CA TRP A 144 -2.20 -8.02 -10.09
C TRP A 144 -3.51 -8.02 -10.82
N GLY A 145 -4.57 -7.78 -10.05
CA GLY A 145 -5.89 -7.73 -10.59
C GLY A 145 -6.54 -9.05 -10.87
N PRO A 146 -7.61 -9.04 -11.69
CA PRO A 146 -8.16 -7.79 -12.28
C PRO A 146 -8.71 -6.80 -11.28
N GLY A 147 -8.49 -5.51 -11.53
CA GLY A 147 -8.98 -4.51 -10.61
C GLY A 147 -8.35 -3.15 -10.82
N LEU A 148 -8.78 -2.19 -10.02
CA LEU A 148 -8.32 -0.80 -10.12
C LEU A 148 -7.01 -0.54 -9.39
N SER A 149 -5.99 -0.13 -10.12
CA SER A 149 -4.73 0.20 -9.48
C SER A 149 -4.76 1.65 -9.06
N GLN A 150 -4.62 1.91 -7.77
CA GLN A 150 -4.63 3.27 -7.31
C GLN A 150 -3.43 4.08 -7.81
N GLY A 151 -2.24 3.47 -7.82
CA GLY A 151 -1.04 4.15 -8.26
C GLY A 151 -1.09 4.61 -9.69
N HIS A 152 -1.62 3.76 -10.57
CA HIS A 152 -1.76 4.09 -11.99
C HIS A 152 -2.92 5.06 -12.25
N SER A 153 -3.99 4.95 -11.46
CA SER A 153 -5.14 5.85 -11.62
C SER A 153 -4.72 7.28 -11.30
N ASP A 154 -4.00 7.51 -10.21
CA ASP A 154 -3.65 8.90 -9.99
C ASP A 154 -2.49 9.42 -10.82
N ALA A 155 -1.78 8.51 -11.46
CA ALA A 155 -0.72 8.89 -12.36
C ALA A 155 -1.50 9.49 -13.55
N LEU A 156 -2.60 8.85 -13.95
CA LEU A 156 -3.44 9.33 -15.06
C LEU A 156 -4.07 10.69 -14.75
N ARG A 157 -4.46 10.89 -13.50
CA ARG A 157 -5.09 12.14 -13.07
C ARG A 157 -4.21 13.37 -13.09
N ARG A 158 -2.89 13.16 -13.13
CA ARG A 158 -1.92 14.24 -13.14
C ARG A 158 -1.59 14.76 -14.54
N ILE A 159 -2.08 14.05 -15.56
CA ILE A 159 -1.86 14.46 -16.95
C ILE A 159 -2.75 15.64 -17.30
N PRO A 160 -2.16 16.81 -17.65
CA PRO A 160 -2.96 17.98 -18.01
C PRO A 160 -4.07 17.60 -18.99
N GLY A 161 -5.28 18.12 -18.79
CA GLY A 161 -6.34 17.77 -19.72
C GLY A 161 -7.18 16.60 -19.32
N VAL A 162 -6.64 15.72 -18.48
CA VAL A 162 -7.41 14.57 -18.01
C VAL A 162 -8.30 15.08 -16.91
N GLN A 163 -9.63 14.92 -17.07
CA GLN A 163 -10.61 15.38 -16.08
C GLN A 163 -10.89 14.33 -15.02
N LYS A 164 -11.08 13.10 -15.49
CA LYS A 164 -11.32 11.94 -14.64
C LYS A 164 -10.63 10.75 -15.31
N ALA A 165 -10.22 9.74 -14.55
CA ALA A 165 -9.54 8.59 -15.17
C ALA A 165 -9.45 7.42 -14.22
N VAL A 166 -9.44 6.23 -14.79
CA VAL A 166 -9.32 5.04 -13.97
C VAL A 166 -8.44 4.06 -14.76
N GLN A 167 -7.67 3.23 -14.07
CA GLN A 167 -6.80 2.24 -14.73
C GLN A 167 -7.04 0.88 -14.11
N TYR A 168 -7.31 -0.12 -14.95
CA TYR A 168 -7.51 -1.51 -14.53
C TYR A 168 -6.31 -2.36 -14.97
N THR A 169 -5.70 -3.06 -14.03
CA THR A 169 -4.58 -3.96 -14.33
C THR A 169 -5.23 -5.33 -14.58
N LEU A 170 -4.99 -5.91 -15.76
CA LEU A 170 -5.58 -7.21 -16.12
C LEU A 170 -4.47 -8.26 -16.35
N PRO A 171 -4.39 -9.30 -15.51
CA PRO A 171 -3.34 -10.28 -15.71
C PRO A 171 -3.75 -11.39 -16.69
N SER A 172 -2.77 -11.98 -17.35
CA SER A 172 -3.00 -13.05 -18.30
C SER A 172 -3.25 -14.36 -17.56
N GLU A 173 -4.42 -14.96 -17.77
CA GLU A 173 -4.76 -16.23 -17.13
C GLU A 173 -3.87 -17.38 -17.61
N ASP A 174 -3.37 -17.27 -18.83
CA ASP A 174 -2.47 -18.27 -19.41
C ASP A 174 -1.17 -18.25 -18.63
N ALA A 175 -0.67 -17.04 -18.40
CA ALA A 175 0.56 -16.83 -17.65
C ALA A 175 0.34 -17.39 -16.27
N LEU A 176 -0.79 -17.05 -15.68
CA LEU A 176 -1.13 -17.54 -14.36
C LEU A 176 -1.03 -19.04 -14.25
N GLU A 177 -1.68 -19.75 -15.19
CA GLU A 177 -1.65 -21.20 -15.19
C GLU A 177 -0.27 -21.73 -15.47
N LYS A 178 0.47 -21.07 -16.36
CA LYS A 178 1.83 -21.50 -16.67
C LYS A 178 2.75 -21.32 -15.49
N ALA A 179 2.53 -20.28 -14.69
CA ALA A 179 3.37 -20.05 -13.52
C ALA A 179 3.18 -21.13 -12.48
N ARG A 180 1.98 -21.71 -12.46
CA ARG A 180 1.68 -22.75 -11.48
C ARG A 180 2.31 -24.04 -11.86
N ARG A 181 2.62 -24.18 -13.14
CA ARG A 181 3.24 -25.39 -13.65
C ARG A 181 4.73 -25.23 -13.78
N GLY A 182 5.20 -24.00 -13.51
CA GLY A 182 6.63 -23.68 -13.60
C GLY A 182 7.06 -23.43 -15.03
N GLU A 183 6.10 -23.10 -15.90
CA GLU A 183 6.40 -22.85 -17.29
C GLU A 183 6.42 -21.39 -17.72
N ALA A 184 6.51 -20.47 -16.77
CA ALA A 184 6.52 -19.04 -17.10
C ALA A 184 7.84 -18.32 -16.81
N GLY A 185 8.92 -19.07 -16.71
CA GLY A 185 10.23 -18.52 -16.42
C GLY A 185 10.84 -17.60 -17.45
N ASP A 186 10.28 -17.58 -18.65
CA ASP A 186 10.80 -16.71 -19.70
C ASP A 186 10.03 -15.38 -19.81
N LEU A 187 8.97 -15.25 -19.02
CA LEU A 187 8.08 -14.08 -18.99
C LEU A 187 8.28 -13.11 -17.83
N THR A 188 8.10 -11.83 -18.10
CA THR A 188 8.24 -10.81 -17.06
C THR A 188 6.86 -10.22 -16.78
N GLY A 189 6.79 -9.40 -15.74
CA GLY A 189 5.55 -8.72 -15.37
C GLY A 189 4.97 -7.82 -16.46
N LYS A 190 5.80 -7.24 -17.34
CA LYS A 190 5.30 -6.39 -18.43
C LYS A 190 4.58 -7.18 -19.53
N GLN A 191 4.97 -8.43 -19.71
CA GLN A 191 4.36 -9.31 -20.71
C GLN A 191 3.11 -10.04 -20.20
N THR A 192 2.90 -10.05 -18.90
CA THR A 192 1.77 -10.76 -18.34
C THR A 192 0.60 -9.93 -17.80
N HIS A 193 0.62 -8.62 -18.06
CA HIS A 193 -0.44 -7.72 -17.60
C HIS A 193 -0.77 -6.71 -18.70
N LYS A 194 -2.05 -6.53 -18.97
CA LYS A 194 -2.52 -5.55 -19.93
C LYS A 194 -3.03 -4.37 -19.06
N ARG A 195 -2.75 -3.14 -19.45
CA ARG A 195 -3.21 -1.99 -18.65
C ARG A 195 -4.35 -1.26 -19.40
N GLN A 196 -5.54 -1.30 -18.81
CA GLN A 196 -6.74 -0.73 -19.41
C GLN A 196 -7.18 0.58 -18.78
N CYS A 197 -7.17 1.67 -19.56
CA CYS A 197 -7.54 3.00 -19.07
C CYS A 197 -8.88 3.55 -19.61
N PHE A 198 -9.61 4.22 -18.73
CA PHE A 198 -10.89 4.87 -19.06
C PHE A 198 -10.67 6.30 -18.63
N VAL A 199 -10.72 7.21 -19.61
CA VAL A 199 -10.41 8.62 -19.41
C VAL A 199 -11.50 9.57 -19.90
N VAL A 200 -11.77 10.64 -19.15
CA VAL A 200 -12.73 11.65 -19.60
C VAL A 200 -11.91 12.88 -19.98
N ALA A 201 -12.07 13.36 -21.20
CA ALA A 201 -11.31 14.50 -21.63
C ALA A 201 -11.98 15.08 -22.84
N ASP A 202 -11.70 16.35 -23.11
CA ASP A 202 -12.24 17.04 -24.27
C ASP A 202 -11.61 16.34 -25.46
N ALA A 203 -12.40 16.12 -26.51
CA ALA A 203 -11.98 15.46 -27.74
C ALA A 203 -10.77 16.10 -28.43
N ALA A 204 -10.54 17.37 -28.13
CA ALA A 204 -9.41 18.09 -28.71
C ALA A 204 -8.09 17.58 -28.13
N ASP A 205 -8.13 17.08 -26.89
CA ASP A 205 -6.94 16.63 -26.20
C ASP A 205 -6.62 15.14 -26.32
N HIS A 206 -7.51 14.35 -26.90
CA HIS A 206 -7.32 12.90 -27.01
C HIS A 206 -5.95 12.42 -27.54
N GLU A 207 -5.53 12.92 -28.70
CA GLU A 207 -4.27 12.54 -29.31
C GLU A 207 -3.09 12.76 -28.39
N ARG A 208 -3.04 13.96 -27.80
CA ARG A 208 -1.97 14.30 -26.88
C ARG A 208 -2.05 13.49 -25.60
N ILE A 209 -3.22 13.41 -24.98
CA ILE A 209 -3.34 12.64 -23.74
C ILE A 209 -2.95 11.18 -23.94
N GLU A 210 -3.34 10.58 -25.08
CA GLU A 210 -3.04 9.17 -25.35
C GLU A 210 -1.56 8.87 -25.46
N ASN A 211 -0.83 9.77 -26.12
CA ASN A 211 0.62 9.66 -26.29
C ASN A 211 1.30 9.78 -24.93
N ASP A 212 0.78 10.70 -24.11
CA ASP A 212 1.30 10.95 -22.77
C ASP A 212 1.10 9.74 -21.88
N ILE A 213 -0.01 9.02 -22.07
CA ILE A 213 -0.27 7.82 -21.28
C ILE A 213 0.71 6.74 -21.73
N ARG A 214 0.76 6.52 -23.05
CA ARG A 214 1.60 5.47 -23.62
C ARG A 214 3.11 5.59 -23.44
N THR A 215 3.60 6.81 -23.35
CA THR A 215 5.02 7.05 -23.20
C THR A 215 5.42 7.39 -21.78
N MET A 216 4.52 7.17 -20.84
CA MET A 216 4.81 7.46 -19.45
C MET A 216 5.74 6.38 -18.90
N PRO A 217 6.99 6.76 -18.62
CA PRO A 217 7.91 5.77 -18.09
C PRO A 217 7.41 5.19 -16.78
N ASP A 218 7.91 3.99 -16.47
CA ASP A 218 7.58 3.27 -15.25
C ASP A 218 6.17 2.71 -15.22
N TYR A 219 5.17 3.58 -15.36
CA TYR A 219 3.79 3.14 -15.34
C TYR A 219 3.31 2.48 -16.60
N PHE A 220 3.59 3.04 -17.76
CA PHE A 220 3.03 2.44 -18.96
C PHE A 220 3.93 1.91 -20.06
N VAL A 221 5.13 2.45 -20.24
CA VAL A 221 5.99 1.95 -21.31
C VAL A 221 6.37 0.49 -21.09
N GLY A 222 6.32 -0.30 -22.15
CA GLY A 222 6.68 -1.70 -22.01
C GLY A 222 5.46 -2.56 -21.82
N TYR A 223 4.31 -1.93 -21.57
CA TYR A 223 3.07 -2.68 -21.36
C TYR A 223 2.13 -2.57 -22.54
N GLU A 224 1.24 -3.56 -22.68
CA GLU A 224 0.23 -3.51 -23.71
C GLU A 224 -0.81 -2.62 -23.04
N VAL A 225 -1.06 -1.45 -23.63
CA VAL A 225 -1.99 -0.49 -23.05
C VAL A 225 -3.19 -0.18 -23.95
N GLU A 226 -4.38 -0.20 -23.37
CA GLU A 226 -5.62 0.11 -24.06
C GLU A 226 -6.14 1.44 -23.50
N VAL A 227 -6.42 2.42 -24.35
CA VAL A 227 -6.93 3.71 -23.87
C VAL A 227 -8.35 3.97 -24.34
N ASN A 228 -9.28 4.10 -23.40
CA ASN A 228 -10.69 4.36 -23.71
C ASN A 228 -11.15 5.72 -23.21
N PHE A 229 -11.64 6.52 -24.13
CA PHE A 229 -12.15 7.86 -23.80
C PHE A 229 -13.66 7.76 -23.75
N ILE A 230 -14.24 8.14 -22.61
CA ILE A 230 -15.69 8.10 -22.41
C ILE A 230 -16.23 9.42 -21.88
N ASP A 231 -17.52 9.64 -22.05
CA ASP A 231 -18.14 10.86 -21.56
C ASP A 231 -18.21 10.74 -20.06
N GLU A 232 -18.38 11.86 -19.40
CA GLU A 232 -18.41 11.88 -17.95
C GLU A 232 -19.55 11.17 -17.31
N ALA A 233 -20.72 11.20 -17.93
CA ALA A 233 -21.87 10.51 -17.35
C ALA A 233 -21.60 9.00 -17.26
N THR A 234 -20.94 8.46 -18.30
CA THR A 234 -20.62 7.04 -18.36
C THR A 234 -19.56 6.73 -17.34
N PHE A 235 -18.59 7.62 -17.20
CA PHE A 235 -17.55 7.42 -16.21
C PHE A 235 -18.18 7.29 -14.84
N ASP A 236 -18.96 8.31 -14.48
CA ASP A 236 -19.62 8.44 -13.19
C ASP A 236 -20.49 7.28 -12.72
N SER A 237 -21.24 6.67 -13.64
CA SER A 237 -22.13 5.58 -13.27
C SER A 237 -21.58 4.17 -13.41
N GLU A 238 -20.62 4.00 -14.31
CA GLU A 238 -20.09 2.67 -14.55
C GLU A 238 -18.75 2.34 -13.90
N HIS A 239 -18.03 3.34 -13.43
CA HIS A 239 -16.72 3.09 -12.84
C HIS A 239 -16.65 3.58 -11.41
N THR A 240 -17.49 3.03 -10.55
CA THR A 240 -17.53 3.45 -9.16
C THR A 240 -16.80 2.56 -8.16
N GLY A 241 -16.54 1.31 -8.54
CA GLY A 241 -15.85 0.39 -7.63
C GLY A 241 -14.35 0.51 -7.49
N MET A 242 -13.81 -0.16 -6.48
CA MET A 242 -12.39 -0.13 -6.24
C MET A 242 -11.79 -1.49 -5.88
N PRO A 243 -12.23 -2.55 -6.57
CA PRO A 243 -11.73 -3.89 -6.28
C PRO A 243 -10.34 -4.08 -6.79
N HIS A 244 -9.60 -5.00 -6.19
CA HIS A 244 -8.27 -5.33 -6.66
C HIS A 244 -7.80 -6.60 -5.99
N GLY A 245 -6.59 -7.04 -6.32
CA GLY A 245 -6.04 -8.24 -5.73
C GLY A 245 -4.95 -8.81 -6.61
N GLY A 246 -4.59 -10.08 -6.41
CA GLY A 246 -3.55 -10.70 -7.21
C GLY A 246 -3.01 -11.99 -6.60
N HIS A 247 -1.94 -12.51 -7.20
CA HIS A 247 -1.31 -13.77 -6.79
C HIS A 247 0.22 -13.66 -6.76
N VAL A 248 0.86 -14.30 -5.78
CA VAL A 248 2.33 -14.33 -5.77
C VAL A 248 2.52 -15.82 -5.94
N ILE A 249 3.09 -16.23 -7.06
CA ILE A 249 3.26 -17.65 -7.30
C ILE A 249 4.73 -18.03 -7.36
N THR A 250 5.12 -19.02 -6.58
CA THR A 250 6.50 -19.47 -6.55
C THR A 250 6.53 -20.97 -6.75
N THR A 251 7.44 -21.46 -7.58
CA THR A 251 7.59 -22.90 -7.77
C THR A 251 9.05 -23.23 -7.44
N GLY A 252 9.31 -24.47 -7.07
CA GLY A 252 10.66 -24.85 -6.75
C GLY A 252 10.81 -26.35 -6.92
N ASP A 253 12.02 -26.81 -7.20
CA ASP A 253 12.28 -28.22 -7.41
C ASP A 253 13.22 -28.74 -6.32
N THR A 254 12.90 -29.88 -5.72
CA THR A 254 13.75 -30.44 -4.67
C THR A 254 14.40 -31.74 -5.10
N GLY A 255 14.65 -31.87 -6.40
CA GLY A 255 15.27 -33.07 -6.93
C GLY A 255 14.30 -33.95 -7.71
N GLY A 256 13.60 -33.37 -8.67
CA GLY A 256 12.65 -34.18 -9.40
C GLY A 256 11.26 -34.09 -8.76
N PHE A 257 11.14 -33.24 -7.75
CA PHE A 257 9.86 -33.02 -7.08
C PHE A 257 9.53 -31.53 -7.10
N ASN A 258 8.36 -31.19 -7.61
CA ASN A 258 7.91 -29.78 -7.72
C ASN A 258 7.01 -29.37 -6.55
N HIS A 259 7.19 -28.13 -6.10
CA HIS A 259 6.41 -27.57 -5.02
C HIS A 259 5.89 -26.24 -5.52
N THR A 260 4.63 -25.94 -5.24
CA THR A 260 4.02 -24.67 -5.68
C THR A 260 3.47 -23.93 -4.46
N VAL A 261 3.87 -22.67 -4.30
CA VAL A 261 3.40 -21.84 -3.20
C VAL A 261 2.60 -20.72 -3.82
N GLU A 262 1.37 -20.53 -3.39
CA GLU A 262 0.57 -19.45 -3.97
C GLU A 262 -0.19 -18.65 -2.92
N TYR A 263 0.01 -17.35 -2.94
CA TYR A 263 -0.68 -16.43 -2.03
C TYR A 263 -1.64 -15.62 -2.90
N ILE A 264 -2.91 -15.62 -2.52
CA ILE A 264 -3.92 -14.91 -3.30
C ILE A 264 -4.71 -13.90 -2.45
N LEU A 265 -5.02 -12.75 -3.04
CA LEU A 265 -5.84 -11.71 -2.40
C LEU A 265 -6.97 -11.30 -3.34
N LYS A 266 -8.21 -11.34 -2.85
CA LYS A 266 -9.39 -10.92 -3.60
C LYS A 266 -10.02 -9.86 -2.71
N LEU A 267 -9.81 -8.60 -3.08
CA LEU A 267 -10.28 -7.45 -2.30
C LEU A 267 -11.43 -6.72 -2.93
N ASP A 268 -12.54 -6.56 -2.22
CA ASP A 268 -13.69 -5.81 -2.75
C ASP A 268 -13.48 -4.33 -2.73
N ARG A 269 -12.61 -3.87 -1.84
CA ARG A 269 -12.31 -2.47 -1.76
C ARG A 269 -10.83 -2.34 -1.42
N ASN A 270 -10.07 -1.91 -2.41
CA ASN A 270 -8.62 -1.75 -2.38
C ASN A 270 -8.06 -0.95 -1.17
N PRO A 271 -8.53 0.30 -0.92
CA PRO A 271 -8.00 1.08 0.23
C PRO A 271 -8.33 0.50 1.61
N ASP A 272 -9.39 -0.30 1.68
CA ASP A 272 -9.81 -0.94 2.93
C ASP A 272 -8.84 -2.03 3.39
N PHE A 273 -8.21 -2.74 2.44
CA PHE A 273 -7.27 -3.77 2.84
C PHE A 273 -5.93 -3.13 3.15
N THR A 274 -5.58 -2.08 2.40
CA THR A 274 -4.34 -1.34 2.64
C THR A 274 -4.39 -0.77 4.07
N ALA A 275 -5.52 -0.15 4.43
CA ALA A 275 -5.71 0.43 5.77
C ALA A 275 -5.62 -0.64 6.87
N SER A 276 -6.22 -1.82 6.60
CA SER A 276 -6.23 -2.93 7.57
C SER A 276 -4.81 -3.41 7.91
N SER A 277 -3.92 -3.41 6.90
CA SER A 277 -2.53 -3.82 7.07
C SER A 277 -1.80 -2.69 7.78
N GLN A 278 -1.96 -1.48 7.28
CA GLN A 278 -1.32 -0.30 7.87
C GLN A 278 -1.61 -0.21 9.39
N ILE A 279 -2.81 -0.61 9.78
CA ILE A 279 -3.26 -0.60 11.16
C ILE A 279 -2.60 -1.68 12.02
N ALA A 280 -2.55 -2.93 11.53
CA ALA A 280 -1.93 -4.01 12.29
C ALA A 280 -0.43 -3.73 12.48
N PHE A 281 0.18 -3.09 11.48
CA PHE A 281 1.60 -2.73 11.53
C PHE A 281 1.87 -1.56 12.47
N GLY A 282 0.83 -0.78 12.76
CA GLY A 282 0.98 0.33 13.68
C GLY A 282 0.95 -0.22 15.09
N ARG A 283 0.32 -1.36 15.27
CA ARG A 283 0.24 -2.04 16.56
C ARG A 283 1.59 -2.69 16.86
N ALA A 284 2.26 -3.14 15.80
CA ALA A 284 3.55 -3.78 15.90
C ALA A 284 4.61 -2.74 16.21
N ALA A 285 4.57 -1.62 15.50
CA ALA A 285 5.52 -0.52 15.67
C ALA A 285 5.59 0.01 17.10
N HIS A 286 4.44 0.03 17.74
CA HIS A 286 4.35 0.48 19.11
C HIS A 286 4.93 -0.58 20.01
N ARG A 287 4.66 -1.84 19.70
CA ARG A 287 5.17 -2.94 20.49
C ARG A 287 6.67 -2.98 20.37
N MET A 288 7.17 -2.73 19.18
CA MET A 288 8.60 -2.74 18.94
C MET A 288 9.29 -1.62 19.70
N LYS A 289 8.67 -0.46 19.70
CA LYS A 289 9.26 0.68 20.39
C LYS A 289 9.09 0.56 21.90
N GLN A 290 7.90 0.14 22.32
CA GLN A 290 7.54 -0.03 23.72
C GLN A 290 8.42 -1.07 24.37
N GLN A 291 9.10 -1.83 23.53
CA GLN A 291 10.00 -2.90 23.95
C GLN A 291 11.44 -2.48 23.60
N GLY A 292 11.60 -1.18 23.36
CA GLY A 292 12.89 -0.61 23.05
C GLY A 292 13.59 -0.69 21.69
N GLN A 293 12.97 -0.21 20.62
CA GLN A 293 13.62 -0.23 19.31
C GLN A 293 13.44 1.07 18.57
N SER A 294 14.33 1.37 17.63
CA SER A 294 14.22 2.62 16.89
C SER A 294 14.76 2.64 15.49
N GLY A 295 14.16 3.48 14.67
CA GLY A 295 14.57 3.60 13.28
C GLY A 295 13.48 3.12 12.34
N ALA A 296 13.79 3.12 11.05
CA ALA A 296 12.85 2.65 10.03
C ALA A 296 12.85 1.12 9.99
N PHE A 297 11.77 0.54 9.51
CA PHE A 297 11.64 -0.90 9.39
C PHE A 297 10.71 -1.18 8.24
N THR A 298 11.04 -2.17 7.43
CA THR A 298 10.18 -2.57 6.35
C THR A 298 9.37 -3.75 6.92
N VAL A 299 8.33 -4.15 6.20
CA VAL A 299 7.50 -5.27 6.61
C VAL A 299 8.28 -6.58 6.79
N LEU A 300 9.45 -6.63 6.17
CA LEU A 300 10.33 -7.80 6.23
C LEU A 300 11.05 -7.97 7.56
N GLU A 301 11.01 -6.93 8.39
CA GLU A 301 11.71 -6.94 9.68
C GLU A 301 10.84 -6.98 10.92
N VAL A 302 9.57 -7.32 10.75
CA VAL A 302 8.60 -7.39 11.85
C VAL A 302 8.20 -8.86 12.02
N ALA A 303 8.26 -9.36 13.24
CA ALA A 303 7.88 -10.74 13.53
C ALA A 303 6.36 -10.75 13.50
N PRO A 304 5.76 -11.70 12.78
CA PRO A 304 4.29 -11.80 12.67
C PRO A 304 3.42 -11.64 13.93
N TYR A 305 3.88 -12.13 15.08
CA TYR A 305 3.11 -12.04 16.32
C TYR A 305 2.92 -10.58 16.77
N LEU A 306 3.81 -9.69 16.32
CA LEU A 306 3.74 -8.28 16.69
C LEU A 306 2.48 -7.58 16.11
N LEU A 307 1.87 -8.15 15.08
CA LEU A 307 0.69 -7.53 14.46
C LEU A 307 -0.62 -7.96 15.11
N SER A 308 -0.60 -9.10 15.78
CA SER A 308 -1.77 -9.64 16.39
C SER A 308 -2.17 -8.97 17.69
N PRO A 309 -3.43 -8.51 17.78
CA PRO A 309 -3.87 -7.86 19.02
C PRO A 309 -3.76 -8.81 20.22
N GLU A 310 -3.67 -10.11 19.93
CA GLU A 310 -3.60 -11.16 20.92
C GLU A 310 -2.26 -11.49 21.55
N ASN A 311 -2.36 -12.04 22.75
CA ASN A 311 -1.25 -12.47 23.58
C ASN A 311 -0.52 -13.58 22.84
N LEU A 312 0.80 -13.49 22.78
CA LEU A 312 1.63 -14.47 22.11
C LEU A 312 1.31 -15.89 22.49
N ASP A 313 1.13 -16.14 23.78
CA ASP A 313 0.83 -17.47 24.30
C ASP A 313 -0.50 -18.04 23.76
N ASP A 314 -1.49 -17.20 23.49
CA ASP A 314 -2.76 -17.67 22.96
C ASP A 314 -2.54 -18.11 21.52
N LEU A 315 -1.70 -17.37 20.80
CA LEU A 315 -1.34 -17.63 19.39
C LEU A 315 -0.63 -18.98 19.25
N ILE A 316 0.33 -19.24 20.12
CA ILE A 316 1.08 -20.50 20.10
C ILE A 316 0.21 -21.69 20.51
N ALA A 317 -0.74 -21.44 21.41
CA ALA A 317 -1.64 -22.50 21.90
C ALA A 317 -2.79 -22.78 20.94
N ARG A 318 -3.08 -21.83 20.06
CA ARG A 318 -4.20 -21.99 19.14
C ARG A 318 -3.83 -22.05 17.66
N ASP A 319 -2.90 -21.21 17.23
CA ASP A 319 -2.50 -21.13 15.82
C ASP A 319 -1.30 -21.88 15.23
N VAL A 320 -0.33 -22.26 16.06
CA VAL A 320 0.83 -22.97 15.54
C VAL A 320 0.44 -24.37 15.08
#